data_6DEK
#
_entry.id   6DEK
#
_cell.length_a   176.039
_cell.length_b   176.039
_cell.length_c   177.626
_cell.angle_alpha   90.00
_cell.angle_beta   90.00
_cell.angle_gamma   120.00
#
_symmetry.space_group_name_H-M   'P 62 2 2'
#
loop_
_entity.id
_entity.type
_entity.pdbx_description
1 polymer 'Acetolactate synthase'
2 non-polymer 'FLAVIN-ADENINE DINUCLEOTIDE'
3 non-polymer 'POTASSIUM ION'
4 non-polymer 'MAGNESIUM ION'
5 non-polymer 'THIAMINE DIPHOSPHATE'
6 water water
#
_entity_poly.entity_id   1
_entity_poly.type   'polypeptide(L)'
_entity_poly.pdbx_seq_one_letter_code
;MHHHHHHSSGLVPRGSGMKETAAAKFERQHMDSPDLGTDDDDKAMAFNTADTSTQPIINDPTLNKHQSSAISRKKKEQLM
DDSFIGLTGGEIFHEMMLRHKVDTVFGYAGGAILPVFDAIYNSDKFKFVLPRHEQGAGHMAEGYARASGKPGVVLVTSGP
GATNVITPMADALMDGVPLVVFSGQVPTTAIGTDAFQEADIVGISRSCTKWNVMVKNVAELPRRINEAFEIATTGRPGPV
LVDLPKDVTASILRESIPINTTLPSNALSQITKKAVSEFTSEAIKRAANILNKAKKPIIYAGAGILNNEQGPKLLKELAD
KANIPVTTTLQGLGAFDQRDPKSLDMLGMHGSAAANTAIQNADCIIALGARFDDRVTGNISKFAPEAKLAASEGRGGILH
FEISPKNINKVVEATEAIEGDVTANLQSFIPLVDSIENRPEWFNKINEWKKKYPYSYQLETPGSLIKPQTLIKEISDQAQ
TYNKEVIVTTGVGQHQMWAAQHFTWTQPRTMITSGGLGTMGYGLPAAIGAQVAKPDAIVIDIDGDASFNMTLTELSSAVQ
AGAPIKVCVLNNEEQGMVTQWQSLFYEHRYSHTHQSNPDFMKLAESMNVKGIRITNQQELKSGVKEFLDATEPVLLEVIV
EKKVPVLPMVPAGKALDDFILWDAEVEKQQNDLRKERTGGKY
;
_entity_poly.pdbx_strand_id   A
#
loop_
_chem_comp.id
_chem_comp.type
_chem_comp.name
_chem_comp.formula
FAD non-polymer 'FLAVIN-ADENINE DINUCLEOTIDE' 'C27 H33 N9 O15 P2'
K non-polymer 'POTASSIUM ION' 'K 1'
MG non-polymer 'MAGNESIUM ION' 'Mg 2'
TPP non-polymer 'THIAMINE DIPHOSPHATE' 'C12 H19 N4 O7 P2 S 1'
#
# COMPACT_ATOMS: atom_id res chain seq x y z
N LYS A 75 42.16 9.34 24.55
CA LYS A 75 41.24 9.55 23.44
C LYS A 75 40.31 8.35 23.25
N LYS A 76 40.71 7.20 23.80
CA LYS A 76 39.92 5.99 23.70
C LYS A 76 38.73 6.02 24.66
N GLU A 77 38.56 7.13 25.36
CA GLU A 77 37.43 7.33 26.25
C GLU A 77 36.40 8.23 25.58
N GLN A 78 36.83 8.94 24.55
CA GLN A 78 35.94 9.83 23.80
C GLN A 78 35.18 9.06 22.73
N LEU A 79 35.57 7.81 22.51
CA LEU A 79 34.93 6.97 21.49
C LEU A 79 33.97 5.98 22.10
N MET A 80 33.94 5.89 23.43
CA MET A 80 33.04 4.96 24.09
C MET A 80 32.13 5.67 25.09
N ASP A 81 30.85 5.30 25.05
CA ASP A 81 29.83 5.92 25.88
C ASP A 81 29.50 5.03 27.08
N ASP A 82 29.24 5.66 28.22
CA ASP A 82 28.97 4.95 29.47
C ASP A 82 27.61 5.36 30.06
N SER A 83 26.85 6.14 29.30
CA SER A 83 25.60 6.70 29.79
C SER A 83 24.47 5.66 29.86
N PHE A 84 24.70 4.47 29.32
CA PHE A 84 23.71 3.41 29.38
C PHE A 84 24.03 2.38 30.47
N ILE A 85 25.13 2.57 31.17
CA ILE A 85 25.50 1.64 32.22
C ILE A 85 24.57 1.82 33.41
N GLY A 86 23.92 0.73 33.81
CA GLY A 86 22.97 0.77 34.91
C GLY A 86 21.54 0.54 34.46
N LEU A 87 21.29 0.77 33.18
CA LEU A 87 19.97 0.55 32.60
C LEU A 87 19.75 -0.91 32.22
N THR A 88 18.50 -1.34 32.19
CA THR A 88 18.17 -2.68 31.73
C THR A 88 17.98 -2.66 30.22
N GLY A 89 17.83 -3.84 29.62
CA GLY A 89 17.61 -3.93 28.18
C GLY A 89 16.39 -3.14 27.76
N GLY A 90 15.31 -3.26 28.51
CA GLY A 90 14.08 -2.55 28.24
C GLY A 90 14.23 -1.04 28.34
N GLU A 91 14.97 -0.59 29.34
CA GLU A 91 15.21 0.84 29.53
C GLU A 91 16.02 1.41 28.37
N ILE A 92 16.98 0.61 27.89
CA ILE A 92 17.79 0.99 26.74
C ILE A 92 16.94 1.02 25.47
N PHE A 93 16.06 0.03 25.34
CA PHE A 93 15.11 -0.02 24.23
C PHE A 93 14.28 1.25 24.20
N HIS A 94 13.76 1.63 25.36
CA HIS A 94 12.96 2.84 25.49
C HIS A 94 13.76 4.07 25.05
N GLU A 95 15.03 4.11 25.44
CA GLU A 95 15.87 5.25 25.12
C GLU A 95 16.19 5.30 23.62
N MET A 96 16.47 4.15 23.01
CA MET A 96 16.78 4.10 21.60
C MET A 96 15.58 4.46 20.73
N MET A 97 14.38 4.13 21.21
CA MET A 97 13.16 4.51 20.50
C MET A 97 13.07 6.03 20.42
N LEU A 98 13.40 6.69 21.53
CA LEU A 98 13.36 8.15 21.60
CA LEU A 98 13.36 8.15 21.58
C LEU A 98 14.37 8.76 20.63
N ARG A 99 15.52 8.11 20.49
CA ARG A 99 16.59 8.62 19.63
C ARG A 99 16.30 8.38 18.16
N HIS A 100 15.34 7.51 17.87
CA HIS A 100 14.93 7.27 16.49
C HIS A 100 13.64 7.99 16.17
N LYS A 101 13.25 8.91 17.06
CA LYS A 101 12.04 9.71 16.90
C LYS A 101 10.78 8.86 16.74
N VAL A 102 10.70 7.79 17.51
CA VAL A 102 9.52 6.91 17.52
C VAL A 102 8.45 7.46 18.46
N ASP A 103 7.29 7.81 17.92
CA ASP A 103 6.22 8.37 18.74
C ASP A 103 5.06 7.39 18.92
N THR A 104 5.09 6.29 18.18
CA THR A 104 4.00 5.32 18.23
C THR A 104 4.53 3.89 18.21
N VAL A 105 3.94 3.04 19.05
CA VAL A 105 4.28 1.63 19.07
C VAL A 105 3.02 0.78 19.09
N PHE A 106 2.94 -0.19 18.18
CA PHE A 106 1.81 -1.12 18.14
C PHE A 106 2.25 -2.48 18.69
N GLY A 107 1.62 -2.94 19.76
CA GLY A 107 2.04 -4.21 20.33
C GLY A 107 1.03 -4.92 21.21
N TYR A 108 1.36 -6.16 21.56
CA TYR A 108 0.53 -6.97 22.44
C TYR A 108 1.43 -7.65 23.49
N ALA A 109 1.00 -7.61 24.74
CA ALA A 109 1.84 -8.10 25.84
C ALA A 109 2.04 -9.61 25.84
N GLY A 110 2.99 -10.07 26.64
CA GLY A 110 3.31 -11.48 26.74
C GLY A 110 4.42 -11.69 27.74
N GLY A 111 4.73 -12.95 28.03
CA GLY A 111 5.75 -13.27 29.02
C GLY A 111 7.14 -12.79 28.64
N ALA A 112 7.63 -13.25 27.50
CA ALA A 112 9.00 -12.97 27.07
C ALA A 112 9.30 -11.48 26.86
N ILE A 113 8.27 -10.69 26.60
CA ILE A 113 8.46 -9.29 26.24
C ILE A 113 8.12 -8.34 27.40
N LEU A 114 7.81 -8.93 28.56
CA LEU A 114 7.46 -8.12 29.74
C LEU A 114 8.54 -7.11 30.18
N PRO A 115 9.84 -7.50 30.15
CA PRO A 115 10.85 -6.50 30.53
C PRO A 115 10.84 -5.25 29.66
N VAL A 116 10.42 -5.38 28.41
CA VAL A 116 10.33 -4.25 27.50
C VAL A 116 9.05 -3.46 27.74
N PHE A 117 8.01 -4.18 28.16
CA PHE A 117 6.74 -3.54 28.49
C PHE A 117 6.81 -2.81 29.83
N ASP A 118 7.58 -3.36 30.76
CA ASP A 118 7.71 -2.76 32.08
C ASP A 118 8.53 -1.47 32.00
N ALA A 119 9.20 -1.26 30.86
CA ALA A 119 10.00 -0.06 30.65
C ALA A 119 9.20 1.03 29.93
N ILE A 120 8.28 0.62 29.06
CA ILE A 120 7.42 1.56 28.36
C ILE A 120 6.16 1.83 29.18
N TYR A 121 6.19 1.36 30.43
CA TYR A 121 5.08 1.52 31.36
C TYR A 121 4.84 2.99 31.70
N ASN A 122 3.67 3.49 31.32
CA ASN A 122 3.28 4.88 31.55
C ASN A 122 4.29 5.87 30.97
N SER A 123 4.99 5.45 29.93
CA SER A 123 5.88 6.34 29.21
C SER A 123 5.07 7.42 28.51
N ASP A 124 5.35 8.67 28.84
CA ASP A 124 4.66 9.81 28.24
C ASP A 124 5.32 10.20 26.92
N LYS A 125 6.39 9.50 26.58
CA LYS A 125 7.22 9.88 25.44
C LYS A 125 6.72 9.32 24.10
N PHE A 126 5.88 8.28 24.15
CA PHE A 126 5.24 7.79 22.94
C PHE A 126 3.91 7.08 23.21
N LYS A 127 3.06 7.04 22.17
CA LYS A 127 1.73 6.47 22.27
C LYS A 127 1.72 4.98 21.95
N PHE A 128 1.17 4.19 22.86
CA PHE A 128 1.04 2.75 22.64
C PHE A 128 -0.35 2.42 22.14
N VAL A 129 -0.44 1.57 21.13
CA VAL A 129 -1.72 1.14 20.59
C VAL A 129 -1.90 -0.36 20.72
N LEU A 130 -2.94 -0.77 21.44
CA LEU A 130 -3.19 -2.18 21.73
C LEU A 130 -4.29 -2.75 20.83
N PRO A 131 -3.93 -3.72 19.98
CA PRO A 131 -4.91 -4.41 19.14
C PRO A 131 -5.56 -5.56 19.90
N ARG A 132 -6.35 -6.36 19.21
CA ARG A 132 -6.94 -7.54 19.82
C ARG A 132 -6.19 -8.79 19.37
N HIS A 133 -5.37 -8.62 18.34
CA HIS A 133 -4.66 -9.71 17.70
C HIS A 133 -3.37 -9.15 17.11
N GLU A 134 -2.29 -9.92 17.15
CA GLU A 134 -0.99 -9.40 16.71
C GLU A 134 -0.95 -9.06 15.23
N GLN A 135 -1.69 -9.82 14.42
CA GLN A 135 -1.82 -9.50 13.00
C GLN A 135 -2.36 -8.09 12.84
N GLY A 136 -3.29 -7.73 13.72
CA GLY A 136 -3.83 -6.38 13.77
C GLY A 136 -2.73 -5.37 13.99
N ALA A 137 -1.86 -5.66 14.97
CA ALA A 137 -0.73 -4.78 15.28
C ALA A 137 0.14 -4.54 14.05
N GLY A 138 0.46 -5.63 13.34
CA GLY A 138 1.30 -5.56 12.17
C GLY A 138 0.71 -4.67 11.08
N HIS A 139 -0.56 -4.90 10.76
CA HIS A 139 -1.24 -4.12 9.73
C HIS A 139 -1.44 -2.66 10.13
N MET A 140 -1.66 -2.41 11.41
CA MET A 140 -1.76 -1.05 11.92
C MET A 140 -0.45 -0.31 11.71
N ALA A 141 0.65 -0.98 12.02
CA ALA A 141 1.97 -0.39 11.87
C ALA A 141 2.28 -0.12 10.39
N GLU A 142 1.74 -0.96 9.51
CA GLU A 142 1.89 -0.74 8.08
C GLU A 142 1.17 0.53 7.66
N GLY A 143 -0.07 0.67 8.13
CA GLY A 143 -0.87 1.84 7.82
C GLY A 143 -0.22 3.11 8.34
N TYR A 144 0.32 3.02 9.56
CA TYR A 144 1.07 4.12 10.15
C TYR A 144 2.27 4.48 9.28
N ALA A 145 2.96 3.45 8.80
CA ALA A 145 4.20 3.64 8.06
C ALA A 145 3.94 4.24 6.68
N ARG A 146 2.86 3.80 6.04
CA ARG A 146 2.54 4.28 4.71
C ARG A 146 1.93 5.69 4.74
N ALA A 147 1.24 6.01 5.83
CA ALA A 147 0.59 7.31 5.94
C ALA A 147 1.56 8.41 6.36
N SER A 148 2.54 8.06 7.20
CA SER A 148 3.44 9.05 7.78
C SER A 148 4.81 9.09 7.12
N GLY A 149 5.25 7.98 6.56
CA GLY A 149 6.58 7.88 6.00
C GLY A 149 7.62 7.48 7.04
N LYS A 150 7.18 7.37 8.29
CA LYS A 150 8.02 6.87 9.37
C LYS A 150 7.96 5.35 9.41
N PRO A 151 8.96 4.70 10.02
CA PRO A 151 8.84 3.25 10.18
C PRO A 151 7.81 2.88 11.24
N GLY A 152 7.06 1.80 11.01
CA GLY A 152 6.06 1.34 11.95
C GLY A 152 6.63 0.29 12.90
N VAL A 153 6.65 0.60 14.19
CA VAL A 153 7.26 -0.28 15.19
C VAL A 153 6.24 -1.22 15.83
N VAL A 154 6.51 -2.52 15.75
CA VAL A 154 5.66 -3.54 16.37
C VAL A 154 6.37 -4.18 17.56
N LEU A 155 5.62 -4.45 18.62
CA LEU A 155 6.20 -5.03 19.82
C LEU A 155 5.38 -6.22 20.31
N VAL A 156 5.73 -7.42 19.86
CA VAL A 156 5.00 -8.62 20.25
C VAL A 156 5.84 -9.52 21.15
N THR A 157 5.21 -10.57 21.67
CA THR A 157 5.90 -11.53 22.52
C THR A 157 6.40 -12.72 21.70
N SER A 158 6.82 -13.77 22.40
CA SER A 158 7.37 -14.96 21.75
C SER A 158 6.27 -15.86 21.21
N GLY A 159 6.69 -16.97 20.60
CA GLY A 159 5.77 -18.01 20.15
C GLY A 159 4.68 -17.54 19.21
N PRO A 160 3.42 -17.68 19.64
CA PRO A 160 2.25 -17.34 18.82
C PRO A 160 2.17 -15.84 18.56
N GLY A 161 2.67 -15.04 19.49
CA GLY A 161 2.71 -13.60 19.31
C GLY A 161 3.58 -13.22 18.13
N ALA A 162 4.66 -13.97 17.94
CA ALA A 162 5.60 -13.69 16.87
C ALA A 162 5.12 -14.26 15.54
N THR A 163 4.58 -15.47 15.55
CA THR A 163 4.10 -16.12 14.34
C THR A 163 2.87 -15.42 13.75
N ASN A 164 2.14 -14.67 14.58
CA ASN A 164 0.95 -13.96 14.12
C ASN A 164 1.28 -12.69 13.33
N VAL A 165 2.57 -12.35 13.26
CA VAL A 165 2.99 -11.14 12.56
C VAL A 165 3.61 -11.50 11.20
N ILE A 166 3.64 -12.79 10.89
CA ILE A 166 4.23 -13.26 9.64
C ILE A 166 3.53 -12.67 8.42
N THR A 167 2.20 -12.69 8.42
CA THR A 167 1.45 -12.15 7.28
C THR A 167 1.65 -10.63 7.11
N PRO A 168 1.55 -9.85 8.21
CA PRO A 168 1.89 -8.43 8.03
C PRO A 168 3.33 -8.18 7.58
N MET A 169 4.25 -9.03 8.02
CA MET A 169 5.65 -8.87 7.61
C MET A 169 5.82 -9.21 6.14
N ALA A 170 5.18 -10.29 5.70
CA ALA A 170 5.22 -10.66 4.29
C ALA A 170 4.52 -9.59 3.46
N ASP A 171 3.45 -9.03 4.02
CA ASP A 171 2.74 -7.94 3.36
C ASP A 171 3.65 -6.74 3.16
N ALA A 172 4.32 -6.34 4.25
CA ALA A 172 5.20 -5.18 4.23
C ALA A 172 6.35 -5.35 3.24
N LEU A 173 6.81 -6.58 3.07
CA LEU A 173 7.91 -6.86 2.16
C LEU A 173 7.51 -6.64 0.70
N MET A 174 6.34 -7.14 0.34
CA MET A 174 5.84 -7.04 -1.03
C MET A 174 5.50 -5.60 -1.43
N ASP A 175 5.14 -4.79 -0.45
CA ASP A 175 4.71 -3.41 -0.73
C ASP A 175 5.76 -2.38 -0.34
N GLY A 176 6.91 -2.83 0.14
CA GLY A 176 7.99 -1.93 0.48
C GLY A 176 7.66 -1.02 1.64
N VAL A 177 7.15 -1.61 2.72
CA VAL A 177 6.76 -0.86 3.90
C VAL A 177 7.77 -1.02 5.02
N PRO A 178 8.31 0.10 5.52
CA PRO A 178 9.31 0.10 6.61
C PRO A 178 8.71 -0.37 7.94
N LEU A 179 8.79 -1.66 8.19
CA LEU A 179 8.24 -2.25 9.42
C LEU A 179 9.37 -2.75 10.31
N VAL A 180 9.41 -2.27 11.55
CA VAL A 180 10.41 -2.80 12.49
C VAL A 180 9.73 -3.58 13.61
N VAL A 181 9.93 -4.89 13.60
CA VAL A 181 9.23 -5.77 14.53
C VAL A 181 10.14 -6.33 15.61
N PHE A 182 9.86 -5.96 16.87
CA PHE A 182 10.58 -6.51 18.01
C PHE A 182 9.75 -7.60 18.68
N SER A 183 10.23 -8.84 18.63
CA SER A 183 9.54 -9.93 19.28
C SER A 183 10.32 -10.46 20.48
N GLY A 184 9.63 -10.63 21.60
CA GLY A 184 10.23 -11.23 22.78
C GLY A 184 10.64 -12.66 22.48
N GLN A 185 11.53 -13.21 23.31
CA GLN A 185 12.02 -14.56 23.08
C GLN A 185 12.42 -15.19 24.41
N VAL A 186 12.32 -16.51 24.48
CA VAL A 186 12.82 -17.26 25.63
C VAL A 186 14.29 -16.94 25.85
N PRO A 187 14.76 -17.02 27.11
CA PRO A 187 16.14 -16.67 27.44
C PRO A 187 17.18 -17.40 26.59
N THR A 188 18.37 -16.82 26.48
CA THR A 188 19.46 -17.39 25.68
C THR A 188 19.82 -18.79 26.19
N THR A 189 19.48 -19.06 27.45
CA THR A 189 19.76 -20.33 28.09
C THR A 189 18.71 -21.40 27.80
N ALA A 190 17.90 -21.17 26.76
CA ALA A 190 16.81 -22.09 26.45
C ALA A 190 16.73 -22.38 24.95
N ILE A 191 17.51 -21.67 24.16
CA ILE A 191 17.45 -21.82 22.70
C ILE A 191 18.32 -22.98 22.24
N GLN A 197 6.11 -21.89 24.69
CA GLN A 197 6.01 -20.81 23.73
C GLN A 197 7.36 -20.54 23.09
N GLU A 198 7.88 -21.54 22.37
CA GLU A 198 9.17 -21.43 21.69
C GLU A 198 9.00 -21.65 20.19
N ALA A 199 9.69 -20.84 19.39
CA ALA A 199 9.63 -20.96 17.94
C ALA A 199 10.85 -20.33 17.28
N ASP A 200 11.29 -20.93 16.18
CA ASP A 200 12.41 -20.40 15.41
C ASP A 200 11.96 -19.19 14.61
N ILE A 201 11.59 -18.12 15.32
CA ILE A 201 11.01 -16.95 14.69
C ILE A 201 11.97 -16.31 13.69
N VAL A 202 13.26 -16.41 13.96
CA VAL A 202 14.28 -15.91 13.03
C VAL A 202 14.31 -16.75 11.76
N GLY A 203 14.24 -18.07 11.93
CA GLY A 203 14.24 -18.99 10.81
C GLY A 203 13.00 -18.87 9.94
N ILE A 204 11.85 -18.71 10.59
CA ILE A 204 10.58 -18.57 9.88
C ILE A 204 10.52 -17.26 9.10
N SER A 205 10.91 -16.17 9.75
CA SER A 205 10.75 -14.83 9.20
C SER A 205 11.88 -14.42 8.27
N ARG A 206 12.77 -15.34 7.93
CA ARG A 206 13.90 -15.01 7.07
C ARG A 206 13.42 -14.73 5.65
N SER A 207 12.40 -15.46 5.22
CA SER A 207 11.83 -15.28 3.88
C SER A 207 10.77 -14.17 3.88
N CYS A 208 10.60 -13.52 5.02
CA CYS A 208 9.59 -12.47 5.14
C CYS A 208 10.21 -11.11 5.47
N THR A 209 11.52 -11.09 5.70
CA THR A 209 12.19 -9.86 6.10
C THR A 209 13.40 -9.54 5.24
N LYS A 210 13.69 -8.25 5.10
CA LYS A 210 14.95 -7.81 4.52
C LYS A 210 16.10 -8.35 5.33
N TRP A 211 15.92 -8.36 6.64
CA TRP A 211 16.97 -8.75 7.57
C TRP A 211 16.39 -9.02 8.95
N ASN A 212 16.80 -10.11 9.58
CA ASN A 212 16.44 -10.35 10.97
C ASN A 212 17.68 -10.68 11.80
N VAL A 213 17.53 -10.62 13.12
CA VAL A 213 18.64 -10.83 14.02
C VAL A 213 18.14 -11.20 15.41
N MET A 214 19.00 -11.87 16.18
CA MET A 214 18.71 -12.09 17.60
C MET A 214 19.78 -11.41 18.44
N VAL A 215 19.35 -10.47 19.28
CA VAL A 215 20.26 -9.80 20.21
C VAL A 215 20.70 -10.80 21.27
N LYS A 216 22.00 -11.04 21.38
CA LYS A 216 22.48 -12.10 22.26
C LYS A 216 22.90 -11.57 23.63
N ASN A 217 23.25 -10.28 23.71
CA ASN A 217 23.55 -9.66 25.00
C ASN A 217 23.22 -8.17 25.00
N VAL A 218 22.98 -7.63 26.18
CA VAL A 218 22.43 -6.28 26.32
C VAL A 218 23.36 -5.20 25.74
N ALA A 219 24.65 -5.49 25.68
CA ALA A 219 25.63 -4.51 25.21
C ALA A 219 25.50 -4.24 23.71
N GLU A 220 25.09 -5.24 22.94
CA GLU A 220 24.94 -5.06 21.50
C GLU A 220 23.50 -4.71 21.11
N LEU A 221 22.67 -4.43 22.10
CA LEU A 221 21.28 -4.08 21.84
C LEU A 221 21.12 -2.74 21.09
N PRO A 222 21.82 -1.68 21.53
CA PRO A 222 21.64 -0.44 20.76
C PRO A 222 22.18 -0.55 19.33
N ARG A 223 23.21 -1.37 19.14
CA ARG A 223 23.78 -1.54 17.81
C ARG A 223 22.79 -2.23 16.87
N ARG A 224 22.13 -3.27 17.37
CA ARG A 224 21.16 -4.00 16.57
C ARG A 224 19.93 -3.15 16.27
N ILE A 225 19.54 -2.31 17.22
CA ILE A 225 18.38 -1.45 17.02
C ILE A 225 18.66 -0.44 15.91
N ASN A 226 19.84 0.17 15.95
CA ASN A 226 20.26 1.09 14.90
C ASN A 226 20.28 0.44 13.51
N GLU A 227 20.83 -0.76 13.45
CA GLU A 227 20.92 -1.50 12.19
C GLU A 227 19.53 -1.82 11.68
N ALA A 228 18.64 -2.18 12.60
CA ALA A 228 17.28 -2.58 12.25
C ALA A 228 16.54 -1.44 11.55
N PHE A 229 16.57 -0.25 12.16
CA PHE A 229 15.88 0.89 11.61
C PHE A 229 16.46 1.31 10.26
N GLU A 230 17.78 1.28 10.14
CA GLU A 230 18.41 1.77 8.92
C GLU A 230 18.13 0.82 7.74
N ILE A 231 18.33 -0.48 7.94
CA ILE A 231 18.02 -1.47 6.91
C ILE A 231 16.55 -1.36 6.49
N ALA A 232 15.68 -1.11 7.46
CA ALA A 232 14.24 -1.07 7.21
C ALA A 232 13.84 0.15 6.39
N THR A 233 14.62 1.23 6.47
CA THR A 233 14.22 2.49 5.86
C THR A 233 15.07 2.95 4.67
N THR A 234 16.11 2.19 4.33
CA THR A 234 16.96 2.54 3.20
C THR A 234 16.77 1.57 2.04
N GLY A 235 17.21 1.99 0.85
CA GLY A 235 16.99 1.21 -0.36
C GLY A 235 15.50 1.11 -0.58
N ARG A 236 15.03 -0.07 -0.99
CA ARG A 236 13.60 -0.31 -0.97
C ARG A 236 13.20 -0.70 0.44
N PRO A 237 12.38 0.15 1.08
CA PRO A 237 11.95 -0.08 2.47
C PRO A 237 11.34 -1.46 2.66
N GLY A 238 11.41 -1.99 3.87
CA GLY A 238 10.85 -3.30 4.14
C GLY A 238 10.93 -3.68 5.60
N PRO A 239 10.34 -4.82 5.95
CA PRO A 239 10.26 -5.29 7.34
C PRO A 239 11.58 -5.86 7.86
N VAL A 240 11.84 -5.66 9.15
CA VAL A 240 12.96 -6.31 9.83
C VAL A 240 12.47 -6.86 11.17
N LEU A 241 13.04 -7.97 11.60
CA LEU A 241 12.67 -8.55 12.89
C LEU A 241 13.88 -8.60 13.81
N VAL A 242 13.72 -8.05 15.00
CA VAL A 242 14.76 -8.14 16.02
C VAL A 242 14.26 -9.00 17.18
N ASP A 243 14.90 -10.15 17.36
CA ASP A 243 14.51 -11.06 18.43
C ASP A 243 15.14 -10.64 19.77
N LEU A 244 14.30 -10.42 20.78
CA LEU A 244 14.77 -9.97 22.09
C LEU A 244 14.53 -11.00 23.18
N PRO A 245 15.56 -11.80 23.49
CA PRO A 245 15.48 -12.80 24.56
C PRO A 245 15.17 -12.14 25.91
N LYS A 246 14.37 -12.81 26.73
CA LYS A 246 13.88 -12.21 27.97
C LYS A 246 15.02 -11.82 28.92
N ASP A 247 16.05 -12.66 28.97
CA ASP A 247 17.19 -12.40 29.86
C ASP A 247 18.03 -11.21 29.39
N VAL A 248 18.10 -11.01 28.07
CA VAL A 248 18.84 -9.88 27.50
C VAL A 248 18.17 -8.55 27.84
N THR A 249 16.85 -8.50 27.70
CA THR A 249 16.10 -7.28 27.99
C THR A 249 15.91 -7.07 29.50
N ALA A 250 16.15 -8.13 30.26
CA ALA A 250 16.03 -8.05 31.72
C ALA A 250 17.36 -7.74 32.37
N SER A 251 18.45 -8.07 31.67
CA SER A 251 19.80 -7.86 32.19
C SER A 251 20.16 -6.38 32.21
N ILE A 252 21.17 -6.03 32.99
CA ILE A 252 21.61 -4.66 33.11
C ILE A 252 22.98 -4.47 32.46
N LEU A 253 23.11 -3.42 31.65
CA LEU A 253 24.37 -3.12 30.98
C LEU A 253 25.42 -2.66 31.97
N ARG A 254 26.59 -3.29 31.92
CA ARG A 254 27.68 -2.94 32.83
C ARG A 254 28.93 -2.50 32.07
N GLU A 255 29.04 -2.94 30.82
CA GLU A 255 30.15 -2.55 29.96
C GLU A 255 29.95 -1.15 29.40
N SER A 256 30.99 -0.60 28.78
CA SER A 256 30.89 0.66 28.06
CA SER A 256 30.88 0.66 28.05
C SER A 256 30.83 0.37 26.56
N ILE A 257 29.77 0.82 25.90
CA ILE A 257 29.58 0.53 24.48
C ILE A 257 30.10 1.65 23.58
N PRO A 258 30.59 1.29 22.38
CA PRO A 258 31.02 2.26 21.37
C PRO A 258 29.98 3.35 21.14
N ILE A 259 30.43 4.60 21.08
CA ILE A 259 29.51 5.73 21.07
C ILE A 259 28.80 5.88 19.72
N ASN A 260 29.31 5.20 18.69
N ASN A 260 29.31 5.20 18.69
CA ASN A 260 28.67 5.25 17.37
CA ASN A 260 28.68 5.24 17.38
C ASN A 260 27.46 4.32 17.30
C ASN A 260 27.45 4.35 17.32
N THR A 261 27.33 3.45 18.30
CA THR A 261 26.22 2.51 18.35
C THR A 261 25.07 3.04 19.20
N THR A 262 25.31 4.14 19.91
CA THR A 262 24.26 4.77 20.71
C THR A 262 23.54 5.82 19.88
N LEU A 263 24.09 6.11 18.71
CA LEU A 263 23.56 7.14 17.83
C LEU A 263 23.15 6.59 16.48
N PRO A 264 21.93 6.91 16.03
CA PRO A 264 21.49 6.60 14.67
C PRO A 264 22.22 7.48 13.67
N SER A 265 22.33 7.03 12.43
CA SER A 265 23.01 7.83 11.40
C SER A 265 22.11 8.99 10.94
N ASN A 266 22.61 10.22 11.07
CA ASN A 266 23.94 10.47 11.60
C ASN A 266 23.91 11.43 12.79
N ALA A 275 27.00 11.61 -2.88
CA ALA A 275 27.77 11.54 -4.10
C ALA A 275 27.10 10.63 -5.13
N VAL A 276 27.25 10.98 -6.41
CA VAL A 276 26.70 10.18 -7.50
C VAL A 276 27.83 9.55 -8.31
N SER A 277 27.73 8.24 -8.55
CA SER A 277 28.76 7.54 -9.33
C SER A 277 28.77 8.04 -10.77
N GLU A 278 29.95 8.03 -11.39
CA GLU A 278 30.09 8.48 -12.77
C GLU A 278 29.35 7.54 -13.71
N PHE A 279 29.15 6.29 -13.29
CA PHE A 279 28.41 5.31 -14.06
C PHE A 279 26.94 5.71 -14.18
N THR A 280 26.37 6.16 -13.07
CA THR A 280 24.97 6.59 -13.04
C THR A 280 24.79 7.95 -13.70
N SER A 281 25.70 8.87 -13.42
CA SER A 281 25.62 10.23 -13.94
C SER A 281 25.61 10.30 -15.47
N GLU A 282 26.41 9.44 -16.09
CA GLU A 282 26.48 9.37 -17.56
C GLU A 282 25.30 8.58 -18.10
N ALA A 283 24.75 7.69 -17.27
CA ALA A 283 23.58 6.92 -17.64
C ALA A 283 22.35 7.83 -17.70
N ILE A 284 22.32 8.81 -16.81
CA ILE A 284 21.24 9.80 -16.80
C ILE A 284 21.22 10.61 -18.09
N LYS A 285 22.38 11.13 -18.47
CA LYS A 285 22.49 11.95 -19.67
C LYS A 285 22.23 11.14 -20.93
N ARG A 286 22.63 9.88 -20.91
CA ARG A 286 22.34 8.99 -22.03
C ARG A 286 20.83 8.73 -22.10
N ALA A 287 20.18 8.76 -20.93
CA ALA A 287 18.73 8.57 -20.85
C ALA A 287 17.98 9.83 -21.29
N ALA A 288 18.54 10.99 -20.97
CA ALA A 288 17.96 12.26 -21.38
C ALA A 288 17.96 12.39 -22.90
N ASN A 289 19.00 11.88 -23.53
CA ASN A 289 19.10 11.91 -24.99
C ASN A 289 18.02 11.07 -25.65
N ILE A 290 17.67 9.96 -25.00
CA ILE A 290 16.65 9.05 -25.54
C ILE A 290 15.26 9.67 -25.44
N LEU A 291 15.00 10.37 -24.34
CA LEU A 291 13.72 11.03 -24.14
C LEU A 291 13.53 12.16 -25.15
N ASN A 292 14.61 12.88 -25.42
CA ASN A 292 14.55 14.02 -26.33
C ASN A 292 14.29 13.62 -27.78
N LYS A 293 14.42 12.33 -28.07
CA LYS A 293 14.14 11.80 -29.40
C LYS A 293 12.71 11.28 -29.53
N ALA A 294 12.06 11.08 -28.39
CA ALA A 294 10.74 10.45 -28.37
C ALA A 294 9.64 11.38 -28.88
N LYS A 295 8.69 10.81 -29.62
CA LYS A 295 7.55 11.57 -30.09
C LYS A 295 6.26 11.08 -29.43
N LYS A 296 6.32 9.90 -28.81
CA LYS A 296 5.17 9.35 -28.09
C LYS A 296 5.54 8.86 -26.70
N PRO A 297 6.03 9.76 -25.83
CA PRO A 297 6.52 9.30 -24.52
C PRO A 297 5.39 9.09 -23.51
N ILE A 298 5.69 8.37 -22.44
CA ILE A 298 4.75 8.16 -21.35
C ILE A 298 5.50 7.96 -20.04
N ILE A 299 4.94 8.46 -18.95
CA ILE A 299 5.52 8.24 -17.64
C ILE A 299 4.75 7.16 -16.90
N TYR A 300 5.47 6.17 -16.38
CA TYR A 300 4.89 5.07 -15.64
C TYR A 300 5.40 5.15 -14.20
N ALA A 301 4.62 5.80 -13.34
CA ALA A 301 5.06 6.12 -11.99
C ALA A 301 4.45 5.22 -10.93
N GLY A 302 5.23 4.91 -9.90
CA GLY A 302 4.77 4.00 -8.86
C GLY A 302 5.11 4.44 -7.45
N ALA A 303 5.05 3.49 -6.52
CA ALA A 303 5.22 3.76 -5.10
C ALA A 303 6.55 4.43 -4.76
N GLY A 304 7.55 4.22 -5.61
CA GLY A 304 8.89 4.72 -5.36
C GLY A 304 8.96 6.24 -5.32
N ILE A 305 8.13 6.89 -6.13
CA ILE A 305 8.13 8.35 -6.20
C ILE A 305 7.52 8.95 -4.93
N LEU A 306 6.89 8.11 -4.12
CA LEU A 306 6.26 8.56 -2.88
C LEU A 306 7.19 8.47 -1.68
N ASN A 307 8.34 7.81 -1.86
CA ASN A 307 9.29 7.66 -0.77
C ASN A 307 10.21 8.87 -0.65
N ASN A 308 9.82 9.94 -1.32
CA ASN A 308 10.49 11.23 -1.17
C ASN A 308 9.45 12.33 -1.31
N GLU A 309 9.52 13.31 -0.41
CA GLU A 309 8.52 14.36 -0.31
C GLU A 309 8.55 15.30 -1.51
N GLN A 310 9.66 15.30 -2.26
CA GLN A 310 9.78 16.11 -3.46
C GLN A 310 9.38 15.32 -4.70
N GLY A 311 9.09 14.04 -4.50
CA GLY A 311 8.74 13.13 -5.58
C GLY A 311 7.63 13.64 -6.50
N PRO A 312 6.40 13.75 -5.96
CA PRO A 312 5.27 14.24 -6.74
C PRO A 312 5.54 15.61 -7.38
N LYS A 313 6.31 16.45 -6.71
CA LYS A 313 6.68 17.76 -7.24
C LYS A 313 7.52 17.65 -8.50
N LEU A 314 8.55 16.79 -8.45
CA LEU A 314 9.45 16.61 -9.58
C LEU A 314 8.82 15.76 -10.66
N LEU A 315 7.92 14.87 -10.28
CA LEU A 315 7.16 14.09 -11.25
C LEU A 315 6.33 15.03 -12.13
N LYS A 316 5.73 16.04 -11.51
CA LYS A 316 4.92 17.00 -12.25
C LYS A 316 5.80 17.92 -13.10
N GLU A 317 6.93 18.34 -12.52
CA GLU A 317 7.87 19.21 -13.23
C GLU A 317 8.38 18.56 -14.51
N LEU A 318 8.68 17.27 -14.44
CA LEU A 318 9.12 16.52 -15.60
C LEU A 318 8.00 16.36 -16.62
N ALA A 319 6.79 16.14 -16.13
CA ALA A 319 5.64 15.90 -16.99
C ALA A 319 5.21 17.19 -17.69
N ASP A 320 5.52 18.33 -17.07
CA ASP A 320 5.13 19.62 -17.62
C ASP A 320 6.18 20.14 -18.60
N LYS A 321 7.45 19.93 -18.28
CA LYS A 321 8.53 20.42 -19.13
C LYS A 321 8.56 19.73 -20.49
N ALA A 322 8.58 18.40 -20.46
CA ALA A 322 8.66 17.62 -21.70
C ALA A 322 7.28 17.29 -22.26
N ASN A 323 6.25 17.70 -21.53
CA ASN A 323 4.86 17.47 -21.92
C ASN A 323 4.55 15.98 -22.13
N ILE A 324 4.56 15.23 -21.03
CA ILE A 324 4.37 13.78 -21.08
C ILE A 324 3.16 13.34 -20.26
N PRO A 325 2.28 12.52 -20.85
CA PRO A 325 1.16 11.93 -20.12
C PRO A 325 1.64 11.04 -18.97
N VAL A 326 0.87 10.94 -17.89
CA VAL A 326 1.28 10.20 -16.71
C VAL A 326 0.28 9.12 -16.29
N THR A 327 0.75 7.89 -16.20
CA THR A 327 -0.04 6.81 -15.62
C THR A 327 0.64 6.30 -14.35
N THR A 328 -0.15 5.79 -13.41
CA THR A 328 0.39 5.28 -12.15
C THR A 328 -0.11 3.88 -11.84
N THR A 329 0.63 3.19 -10.97
CA THR A 329 0.19 1.90 -10.46
C THR A 329 -0.84 2.09 -9.36
N LEU A 330 -1.38 0.98 -8.86
CA LEU A 330 -2.29 1.00 -7.72
C LEU A 330 -1.63 1.63 -6.50
N GLN A 331 -0.35 1.34 -6.30
CA GLN A 331 0.38 1.84 -5.14
C GLN A 331 0.88 3.26 -5.33
N GLY A 332 0.83 3.74 -6.57
CA GLY A 332 1.29 5.08 -6.89
C GLY A 332 0.17 6.09 -7.02
N LEU A 333 -1.05 5.67 -6.73
CA LEU A 333 -2.21 6.55 -6.82
C LEU A 333 -2.06 7.74 -5.86
N GLY A 334 -2.15 8.94 -6.41
CA GLY A 334 -2.00 10.15 -5.62
C GLY A 334 -0.67 10.84 -5.88
N ALA A 335 0.22 10.14 -6.58
CA ALA A 335 1.52 10.70 -6.94
C ALA A 335 1.38 11.78 -7.99
N PHE A 336 0.32 11.68 -8.79
CA PHE A 336 0.03 12.66 -9.83
C PHE A 336 -1.44 13.05 -9.77
N ASP A 337 -1.71 14.35 -9.83
CA ASP A 337 -3.07 14.85 -9.76
C ASP A 337 -3.88 14.34 -10.95
N GLN A 338 -4.88 13.49 -10.66
CA GLN A 338 -5.67 12.87 -11.72
C GLN A 338 -6.59 13.86 -12.43
N ARG A 339 -6.76 15.04 -11.84
CA ARG A 339 -7.57 16.09 -12.45
C ARG A 339 -6.82 16.76 -13.60
N ASP A 340 -5.50 16.64 -13.57
CA ASP A 340 -4.65 17.15 -14.64
C ASP A 340 -5.00 16.45 -15.97
N PRO A 341 -5.01 17.22 -17.07
CA PRO A 341 -5.30 16.69 -18.41
C PRO A 341 -4.32 15.62 -18.87
N LYS A 342 -3.08 15.67 -18.37
CA LYS A 342 -2.06 14.71 -18.75
C LYS A 342 -2.19 13.38 -17.98
N SER A 343 -3.12 13.32 -17.05
CA SER A 343 -3.33 12.10 -16.28
C SER A 343 -4.03 11.03 -17.13
N LEU A 344 -3.46 9.83 -17.13
CA LEU A 344 -4.02 8.71 -17.85
C LEU A 344 -4.68 7.71 -16.91
N ASP A 345 -4.72 8.08 -15.62
CA ASP A 345 -5.29 7.24 -14.55
C ASP A 345 -4.42 6.00 -14.32
N MET A 346 -5.00 4.99 -13.70
CA MET A 346 -4.28 3.76 -13.36
C MET A 346 -4.18 2.82 -14.55
N LEU A 347 -3.04 2.15 -14.69
CA LEU A 347 -2.85 1.15 -15.73
C LEU A 347 -2.83 -0.24 -15.11
N GLY A 348 -3.00 -1.26 -15.95
CA GLY A 348 -2.88 -2.63 -15.47
C GLY A 348 -4.10 -3.49 -15.69
N MET A 349 -4.10 -4.63 -15.01
CA MET A 349 -5.14 -5.66 -15.13
C MET A 349 -6.56 -5.10 -15.03
N HIS A 350 -6.76 -4.18 -14.10
CA HIS A 350 -8.06 -3.52 -13.95
C HIS A 350 -7.91 -2.01 -14.07
N GLY A 351 -6.87 -1.57 -14.77
CA GLY A 351 -6.63 -0.15 -14.95
C GLY A 351 -7.41 0.42 -16.11
N SER A 352 -7.23 1.71 -16.37
CA SER A 352 -7.86 2.39 -17.49
C SER A 352 -7.44 1.79 -18.82
N ALA A 353 -8.40 1.46 -19.67
CA ALA A 353 -8.10 0.91 -20.99
C ALA A 353 -7.36 1.93 -21.86
N ALA A 354 -7.51 3.21 -21.53
CA ALA A 354 -6.77 4.26 -22.21
C ALA A 354 -5.31 4.24 -21.78
N ALA A 355 -5.08 4.00 -20.50
CA ALA A 355 -3.72 3.93 -19.96
C ALA A 355 -2.99 2.71 -20.53
N ASN A 356 -3.71 1.59 -20.63
CA ASN A 356 -3.14 0.38 -21.19
C ASN A 356 -2.80 0.54 -22.67
N THR A 357 -3.70 1.19 -23.41
CA THR A 357 -3.47 1.41 -24.84
C THR A 357 -2.29 2.37 -25.05
N ALA A 358 -2.21 3.41 -24.22
CA ALA A 358 -1.15 4.39 -24.33
C ALA A 358 0.23 3.77 -24.13
N ILE A 359 0.38 2.97 -23.08
CA ILE A 359 1.67 2.37 -22.80
CA ILE A 359 1.63 2.29 -22.75
C ILE A 359 2.05 1.35 -23.87
N GLN A 360 1.07 0.68 -24.46
CA GLN A 360 1.33 -0.31 -25.52
C GLN A 360 1.75 0.34 -26.84
N ASN A 361 1.46 1.63 -27.00
CA ASN A 361 1.82 2.32 -28.22
C ASN A 361 2.93 3.35 -28.01
N ALA A 362 3.34 3.54 -26.77
CA ALA A 362 4.39 4.50 -26.45
C ALA A 362 5.75 4.04 -26.95
N ASP A 363 6.57 4.99 -27.40
CA ASP A 363 7.89 4.65 -27.92
C ASP A 363 8.97 4.87 -26.85
N CYS A 364 8.58 5.55 -25.77
CA CYS A 364 9.50 5.77 -24.65
C CYS A 364 8.76 5.72 -23.32
N ILE A 365 9.12 4.75 -22.49
CA ILE A 365 8.49 4.58 -21.19
C ILE A 365 9.43 4.95 -20.05
N ILE A 366 9.04 5.96 -19.29
CA ILE A 366 9.82 6.40 -18.14
C ILE A 366 9.27 5.81 -16.85
N ALA A 367 9.92 4.78 -16.34
CA ALA A 367 9.48 4.11 -15.13
C ALA A 367 10.04 4.80 -13.89
N LEU A 368 9.16 5.43 -13.12
CA LEU A 368 9.57 6.16 -11.92
C LEU A 368 9.11 5.45 -10.65
N GLY A 369 9.97 4.57 -10.12
CA GLY A 369 9.67 3.88 -8.88
C GLY A 369 8.59 2.83 -9.01
N ALA A 370 8.63 2.04 -10.06
CA ALA A 370 7.70 0.93 -10.25
C ALA A 370 8.43 -0.33 -10.70
N ARG A 371 7.97 -1.48 -10.26
CA ARG A 371 8.72 -2.72 -10.48
C ARG A 371 8.08 -3.66 -11.50
N PHE A 372 7.23 -3.11 -12.35
CA PHE A 372 6.63 -3.87 -13.46
C PHE A 372 5.98 -5.17 -12.99
N ASP A 373 5.10 -5.08 -12.00
CA ASP A 373 4.37 -6.24 -11.49
C ASP A 373 3.54 -6.89 -12.61
N ASP A 374 3.35 -8.19 -12.54
CA ASP A 374 2.65 -8.93 -13.59
C ASP A 374 1.18 -8.52 -13.71
N ARG A 375 0.64 -7.93 -12.65
CA ARG A 375 -0.73 -7.42 -12.68
C ARG A 375 -0.78 -6.07 -13.37
N VAL A 376 0.39 -5.53 -13.72
CA VAL A 376 0.47 -4.27 -14.44
C VAL A 376 0.78 -4.48 -15.91
N THR A 377 1.76 -5.33 -16.20
CA THR A 377 2.25 -5.52 -17.56
C THR A 377 1.35 -6.41 -18.40
N GLY A 378 0.62 -7.31 -17.76
CA GLY A 378 -0.10 -8.34 -18.49
C GLY A 378 0.91 -9.33 -19.04
N ASN A 379 0.61 -9.89 -20.21
CA ASN A 379 1.56 -10.78 -20.88
C ASN A 379 2.88 -10.06 -21.16
N ILE A 380 3.94 -10.50 -20.50
CA ILE A 380 5.20 -9.76 -20.49
C ILE A 380 5.88 -9.71 -21.85
N SER A 381 5.74 -10.79 -22.62
CA SER A 381 6.34 -10.84 -23.95
C SER A 381 5.69 -9.79 -24.86
N LYS A 382 4.37 -9.64 -24.73
CA LYS A 382 3.61 -8.73 -25.57
C LYS A 382 3.54 -7.32 -24.99
N PHE A 383 4.22 -7.10 -23.86
CA PHE A 383 4.21 -5.80 -23.21
C PHE A 383 5.11 -4.78 -23.91
N ALA A 384 4.62 -3.55 -23.99
CA ALA A 384 5.36 -2.42 -24.57
C ALA A 384 6.00 -2.72 -25.93
N PRO A 385 5.18 -3.05 -26.95
CA PRO A 385 5.72 -3.39 -28.26
C PRO A 385 6.45 -2.22 -28.91
N GLU A 386 5.81 -1.05 -28.92
CA GLU A 386 6.38 0.13 -29.55
C GLU A 386 7.63 0.62 -28.83
N ALA A 387 7.71 0.36 -27.53
CA ALA A 387 8.88 0.76 -26.76
C ALA A 387 10.06 -0.14 -27.07
N LYS A 388 9.80 -1.44 -27.19
CA LYS A 388 10.85 -2.40 -27.53
C LYS A 388 11.36 -2.17 -28.94
N LEU A 389 10.44 -1.90 -29.87
CA LEU A 389 10.78 -1.63 -31.25
C LEU A 389 11.65 -0.37 -31.36
N ALA A 390 11.28 0.65 -30.60
CA ALA A 390 12.02 1.91 -30.61
C ALA A 390 13.42 1.73 -30.05
N ALA A 391 13.57 0.79 -29.12
CA ALA A 391 14.87 0.53 -28.51
C ALA A 391 15.83 -0.10 -29.50
N SER A 392 15.32 -1.06 -30.27
CA SER A 392 16.11 -1.73 -31.31
C SER A 392 16.54 -0.76 -32.40
N GLU A 393 15.83 0.35 -32.54
CA GLU A 393 16.13 1.34 -33.56
C GLU A 393 16.80 2.58 -32.98
N GLY A 394 17.12 2.53 -31.69
CA GLY A 394 17.83 3.61 -31.03
C GLY A 394 17.09 4.93 -30.99
N ARG A 395 15.76 4.88 -30.99
CA ARG A 395 14.94 6.09 -30.97
C ARG A 395 14.00 6.14 -29.77
N GLY A 396 14.14 5.16 -28.87
CA GLY A 396 13.32 5.11 -27.67
C GLY A 396 13.71 3.99 -26.73
N GLY A 397 12.73 3.47 -25.99
CA GLY A 397 12.96 2.37 -25.08
C GLY A 397 12.36 2.57 -23.70
N ILE A 398 12.91 1.87 -22.71
CA ILE A 398 12.42 1.98 -21.34
C ILE A 398 13.47 2.58 -20.39
N LEU A 399 13.16 3.74 -19.84
CA LEU A 399 14.04 4.39 -18.88
C LEU A 399 13.62 4.05 -17.46
N HIS A 400 14.42 3.23 -16.78
CA HIS A 400 14.03 2.69 -15.48
C HIS A 400 14.78 3.34 -14.32
N PHE A 401 14.05 4.04 -13.46
CA PHE A 401 14.62 4.66 -12.27
C PHE A 401 14.35 3.80 -11.03
N GLU A 402 15.28 2.90 -10.71
CA GLU A 402 15.12 1.98 -9.58
C GLU A 402 16.14 2.23 -8.48
N ILE A 403 15.76 1.91 -7.25
CA ILE A 403 16.69 2.03 -6.13
C ILE A 403 17.24 0.66 -5.75
N SER A 404 16.49 -0.38 -6.10
CA SER A 404 16.87 -1.76 -5.80
C SER A 404 17.33 -2.46 -7.07
N PRO A 405 18.63 -2.79 -7.14
CA PRO A 405 19.25 -3.49 -8.27
C PRO A 405 18.56 -4.82 -8.61
N LYS A 406 18.03 -5.49 -7.59
CA LYS A 406 17.35 -6.77 -7.79
C LYS A 406 16.08 -6.61 -8.63
N ASN A 407 15.57 -5.39 -8.73
CA ASN A 407 14.38 -5.12 -9.50
C ASN A 407 14.66 -4.60 -10.91
N ILE A 408 15.94 -4.41 -11.23
CA ILE A 408 16.32 -3.94 -12.55
C ILE A 408 16.63 -5.12 -13.48
N ASN A 409 16.04 -5.07 -14.68
CA ASN A 409 16.20 -6.12 -15.68
C ASN A 409 15.68 -7.47 -15.21
N LYS A 410 14.75 -7.45 -14.26
CA LYS A 410 14.14 -8.67 -13.76
C LYS A 410 12.97 -9.09 -14.64
N VAL A 411 12.11 -8.13 -14.97
CA VAL A 411 10.92 -8.41 -15.75
C VAL A 411 11.12 -8.08 -17.23
N VAL A 412 11.41 -6.81 -17.51
CA VAL A 412 11.73 -6.38 -18.87
C VAL A 412 13.10 -5.72 -18.93
N GLU A 413 13.73 -5.77 -20.10
CA GLU A 413 15.06 -5.19 -20.27
C GLU A 413 15.00 -3.66 -20.24
N ALA A 414 15.75 -3.07 -19.31
CA ALA A 414 15.83 -1.63 -19.22
C ALA A 414 16.79 -1.09 -20.27
N THR A 415 16.29 -0.21 -21.13
CA THR A 415 17.12 0.44 -22.14
C THR A 415 18.21 1.25 -21.47
N GLU A 416 17.82 1.97 -20.42
CA GLU A 416 18.77 2.65 -19.55
C GLU A 416 18.30 2.53 -18.10
N ALA A 417 19.23 2.17 -17.21
CA ALA A 417 18.90 1.97 -15.81
C ALA A 417 19.57 2.99 -14.92
N ILE A 418 18.78 3.91 -14.38
CA ILE A 418 19.29 4.92 -13.47
C ILE A 418 19.06 4.48 -12.03
N GLU A 419 20.12 4.01 -11.39
CA GLU A 419 20.02 3.46 -10.04
C GLU A 419 20.01 4.54 -8.97
N GLY A 420 19.40 4.24 -7.83
CA GLY A 420 19.33 5.18 -6.73
C GLY A 420 17.93 5.72 -6.52
N ASP A 421 17.80 6.69 -5.62
CA ASP A 421 16.50 7.32 -5.35
C ASP A 421 16.00 8.09 -6.57
N VAL A 422 14.79 7.78 -6.99
CA VAL A 422 14.22 8.34 -8.22
C VAL A 422 14.10 9.87 -8.15
N THR A 423 13.73 10.40 -6.99
CA THR A 423 13.55 11.83 -6.81
C THR A 423 14.87 12.58 -6.96
N ALA A 424 15.91 12.09 -6.31
CA ALA A 424 17.24 12.72 -6.38
C ALA A 424 17.78 12.66 -7.80
N ASN A 425 17.54 11.53 -8.48
CA ASN A 425 17.99 11.37 -9.85
C ASN A 425 17.20 12.24 -10.82
N LEU A 426 15.96 12.54 -10.46
CA LEU A 426 15.12 13.42 -11.28
C LEU A 426 15.67 14.85 -11.26
N GLN A 427 16.32 15.23 -10.17
CA GLN A 427 16.94 16.55 -10.07
C GLN A 427 18.09 16.71 -11.06
N SER A 428 18.70 15.59 -11.43
CA SER A 428 19.80 15.59 -12.38
C SER A 428 19.32 15.30 -13.80
N PHE A 429 18.15 14.69 -13.89
CA PHE A 429 17.60 14.26 -15.18
C PHE A 429 16.81 15.36 -15.88
N ILE A 430 15.92 16.01 -15.13
CA ILE A 430 15.07 17.06 -15.68
C ILE A 430 15.81 18.20 -16.41
N PRO A 431 16.86 18.78 -15.79
CA PRO A 431 17.51 19.90 -16.48
C PRO A 431 18.26 19.52 -17.77
N LEU A 432 18.31 18.23 -18.11
CA LEU A 432 18.91 17.80 -19.36
C LEU A 432 17.85 17.44 -20.38
N VAL A 433 16.58 17.59 -19.98
CA VAL A 433 15.46 17.27 -20.86
C VAL A 433 15.03 18.51 -21.63
N ASP A 434 14.82 18.35 -22.93
CA ASP A 434 14.38 19.46 -23.77
C ASP A 434 12.95 19.87 -23.46
N SER A 435 12.76 21.16 -23.19
CA SER A 435 11.43 21.70 -22.92
CA SER A 435 11.43 21.69 -22.92
C SER A 435 10.58 21.70 -24.19
N ILE A 436 9.61 20.79 -24.24
CA ILE A 436 8.71 20.67 -25.38
C ILE A 436 7.35 21.25 -25.01
N GLU A 437 6.71 21.94 -25.96
CA GLU A 437 5.45 22.61 -25.65
C GLU A 437 4.21 21.86 -26.18
N ASN A 438 4.27 21.37 -27.40
CA ASN A 438 3.11 20.69 -27.96
C ASN A 438 3.43 19.35 -28.61
N ARG A 439 2.61 18.36 -28.29
CA ARG A 439 2.68 17.05 -28.95
C ARG A 439 1.32 16.74 -29.56
N PRO A 440 0.99 17.42 -30.67
CA PRO A 440 -0.34 17.39 -31.29
C PRO A 440 -0.83 15.98 -31.63
N GLU A 441 -0.05 15.27 -32.44
CA GLU A 441 -0.47 13.96 -32.95
C GLU A 441 -0.57 12.92 -31.82
N TRP A 442 0.34 12.98 -30.87
CA TRP A 442 0.36 12.03 -29.76
C TRP A 442 -0.80 12.27 -28.80
N PHE A 443 -0.93 13.49 -28.31
CA PHE A 443 -1.98 13.84 -27.36
C PHE A 443 -3.37 13.74 -27.97
N ASN A 444 -3.45 13.77 -29.30
CA ASN A 444 -4.72 13.59 -29.98
C ASN A 444 -5.20 12.14 -29.85
N LYS A 445 -4.27 11.21 -30.04
CA LYS A 445 -4.57 9.79 -29.88
C LYS A 445 -4.98 9.48 -28.44
N ILE A 446 -4.31 10.14 -27.50
CA ILE A 446 -4.58 9.93 -26.09
C ILE A 446 -5.98 10.39 -25.71
N ASN A 447 -6.31 11.63 -26.05
CA ASN A 447 -7.61 12.20 -25.72
C ASN A 447 -8.75 11.41 -26.38
N GLU A 448 -8.46 10.85 -27.55
CA GLU A 448 -9.41 9.96 -28.21
C GLU A 448 -9.59 8.69 -27.40
N TRP A 449 -8.48 8.14 -26.92
CA TRP A 449 -8.51 6.94 -26.08
C TRP A 449 -9.22 7.20 -24.76
N LYS A 450 -8.92 8.35 -24.15
CA LYS A 450 -9.53 8.70 -22.86
C LYS A 450 -11.04 8.83 -23.00
N LYS A 451 -11.50 9.36 -24.13
CA LYS A 451 -12.92 9.49 -24.40
C LYS A 451 -13.55 8.14 -24.71
N LYS A 452 -12.82 7.29 -25.40
CA LYS A 452 -13.33 5.98 -25.80
C LYS A 452 -13.35 4.99 -24.63
N TYR A 453 -12.47 5.19 -23.67
CA TYR A 453 -12.30 4.21 -22.59
C TYR A 453 -12.49 4.77 -21.18
N PRO A 454 -13.73 5.17 -20.85
CA PRO A 454 -14.00 5.55 -19.46
C PRO A 454 -14.30 4.32 -18.63
N TYR A 455 -14.42 4.48 -17.31
CA TYR A 455 -14.78 3.37 -16.44
C TYR A 455 -16.28 3.12 -16.48
N SER A 456 -16.78 2.77 -17.66
CA SER A 456 -18.22 2.55 -17.86
CA SER A 456 -18.22 2.55 -17.86
C SER A 456 -18.72 1.35 -17.05
N TYR A 457 -19.96 1.45 -16.59
CA TYR A 457 -20.60 0.36 -15.86
C TYR A 457 -22.12 0.50 -15.94
N GLN A 458 -22.82 -0.58 -15.66
CA GLN A 458 -24.29 -0.58 -15.66
C GLN A 458 -24.82 0.30 -14.53
N LEU A 459 -25.51 1.38 -14.89
CA LEU A 459 -26.09 2.28 -13.90
C LEU A 459 -27.30 1.64 -13.23
N GLU A 460 -27.71 2.22 -12.10
CA GLU A 460 -28.90 1.76 -11.39
C GLU A 460 -30.12 1.82 -12.28
N THR A 461 -31.08 0.95 -12.01
CA THR A 461 -32.37 1.01 -12.65
C THR A 461 -33.40 1.17 -11.53
N PRO A 462 -34.61 1.67 -11.87
CA PRO A 462 -35.65 1.82 -10.86
C PRO A 462 -35.87 0.54 -10.05
N GLY A 463 -35.74 0.64 -8.73
CA GLY A 463 -35.96 -0.49 -7.85
C GLY A 463 -34.77 -1.43 -7.69
N SER A 464 -33.69 -1.14 -8.38
CA SER A 464 -32.49 -1.98 -8.29
C SER A 464 -31.65 -1.60 -7.07
N LEU A 465 -30.72 -2.48 -6.71
CA LEU A 465 -29.78 -2.20 -5.65
C LEU A 465 -28.78 -1.12 -6.09
N ILE A 466 -28.15 -0.49 -5.11
CA ILE A 466 -27.07 0.45 -5.39
C ILE A 466 -25.92 -0.28 -6.06
N LYS A 467 -25.49 0.22 -7.22
CA LYS A 467 -24.30 -0.32 -7.86
C LYS A 467 -23.08 0.13 -7.07
N PRO A 468 -22.13 -0.78 -6.84
CA PRO A 468 -20.93 -0.49 -6.04
C PRO A 468 -20.08 0.66 -6.61
N GLN A 469 -20.06 0.81 -7.94
CA GLN A 469 -19.30 1.89 -8.54
C GLN A 469 -19.88 3.25 -8.16
N THR A 470 -21.20 3.32 -8.10
CA THR A 470 -21.88 4.55 -7.72
C THR A 470 -21.57 4.94 -6.27
N LEU A 471 -21.54 3.94 -5.40
CA LEU A 471 -21.20 4.15 -3.99
C LEU A 471 -19.81 4.77 -3.83
N ILE A 472 -18.86 4.28 -4.59
CA ILE A 472 -17.49 4.81 -4.55
C ILE A 472 -17.44 6.27 -4.99
N LYS A 473 -18.07 6.57 -6.12
CA LYS A 473 -18.09 7.94 -6.65
C LYS A 473 -18.75 8.88 -5.66
N GLU A 474 -19.84 8.41 -5.04
CA GLU A 474 -20.57 9.21 -4.07
C GLU A 474 -19.71 9.57 -2.86
N ILE A 475 -18.97 8.59 -2.35
CA ILE A 475 -18.07 8.83 -1.22
C ILE A 475 -16.93 9.76 -1.64
N SER A 476 -16.41 9.56 -2.84
CA SER A 476 -15.32 10.39 -3.34
C SER A 476 -15.71 11.85 -3.47
N ASP A 477 -16.89 12.10 -4.06
CA ASP A 477 -17.36 13.46 -4.30
C ASP A 477 -17.69 14.21 -3.01
N GLN A 478 -18.25 13.51 -2.04
CA GLN A 478 -18.64 14.15 -0.78
C GLN A 478 -17.43 14.40 0.14
N ALA A 479 -16.46 13.49 0.13
CA ALA A 479 -15.29 13.62 0.98
C ALA A 479 -14.43 14.81 0.58
N GLN A 480 -14.41 15.11 -0.71
CA GLN A 480 -13.61 16.21 -1.25
C GLN A 480 -14.09 17.56 -0.71
N THR A 481 -15.35 17.62 -0.28
CA THR A 481 -15.95 18.87 0.17
C THR A 481 -15.69 19.14 1.65
N TYR A 482 -14.71 18.44 2.21
CA TYR A 482 -14.28 18.71 3.58
C TYR A 482 -12.91 19.37 3.56
N ASN A 483 -12.64 20.21 4.54
CA ASN A 483 -11.38 20.93 4.59
C ASN A 483 -10.31 20.12 5.31
N LYS A 484 -10.46 18.80 5.31
CA LYS A 484 -9.47 17.90 5.88
C LYS A 484 -8.92 17.02 4.75
N GLU A 485 -7.74 16.46 4.95
CA GLU A 485 -7.19 15.56 3.94
C GLU A 485 -7.78 14.16 4.13
N VAL A 486 -7.97 13.46 3.02
CA VAL A 486 -8.64 12.16 3.04
C VAL A 486 -7.68 11.02 2.73
N ILE A 487 -7.62 10.06 3.64
CA ILE A 487 -6.81 8.86 3.46
C ILE A 487 -7.69 7.63 3.30
N VAL A 488 -7.49 6.87 2.22
CA VAL A 488 -8.31 5.69 1.96
C VAL A 488 -7.52 4.39 2.13
N THR A 489 -8.03 3.48 2.95
CA THR A 489 -7.52 2.13 3.01
C THR A 489 -8.60 1.17 2.49
N THR A 490 -8.19 0.02 1.99
CA THR A 490 -9.15 -0.95 1.46
C THR A 490 -8.82 -2.37 1.90
N GLY A 491 -9.77 -3.27 1.68
CA GLY A 491 -9.51 -4.69 1.81
C GLY A 491 -9.01 -5.21 0.48
N VAL A 492 -9.31 -6.47 0.17
CA VAL A 492 -8.89 -7.04 -1.10
C VAL A 492 -10.07 -7.69 -1.80
N GLY A 493 -10.29 -7.32 -3.04
CA GLY A 493 -11.39 -7.85 -3.83
C GLY A 493 -11.93 -6.81 -4.79
N GLN A 494 -13.18 -6.99 -5.22
CA GLN A 494 -13.78 -6.09 -6.19
C GLN A 494 -13.88 -4.65 -5.67
N HIS A 495 -14.18 -4.50 -4.39
CA HIS A 495 -14.29 -3.18 -3.78
C HIS A 495 -12.96 -2.43 -3.84
N GLN A 496 -11.86 -3.17 -3.76
CA GLN A 496 -10.53 -2.59 -3.81
C GLN A 496 -10.28 -1.93 -5.16
N MET A 497 -10.66 -2.62 -6.22
CA MET A 497 -10.43 -2.14 -7.57
C MET A 497 -11.38 -0.99 -7.91
N TRP A 498 -12.63 -1.12 -7.51
CA TRP A 498 -13.61 -0.07 -7.74
C TRP A 498 -13.20 1.21 -7.02
N ALA A 499 -12.68 1.06 -5.81
CA ALA A 499 -12.15 2.20 -5.07
C ALA A 499 -11.00 2.83 -5.82
N ALA A 500 -10.11 2.00 -6.35
CA ALA A 500 -8.96 2.48 -7.10
C ALA A 500 -9.39 3.22 -8.37
N GLN A 501 -10.48 2.74 -8.98
CA GLN A 501 -10.94 3.29 -10.25
C GLN A 501 -11.71 4.61 -10.10
N HIS A 502 -12.66 4.64 -9.17
CA HIS A 502 -13.66 5.70 -9.18
C HIS A 502 -13.39 6.84 -8.18
N PHE A 503 -12.47 6.64 -7.27
CA PHE A 503 -11.96 7.73 -6.46
C PHE A 503 -11.13 8.66 -7.33
N THR A 504 -11.14 9.96 -7.03
CA THR A 504 -10.27 10.90 -7.74
C THR A 504 -9.07 11.22 -6.86
N TRP A 505 -7.91 10.70 -7.24
CA TRP A 505 -6.70 10.80 -6.43
C TRP A 505 -5.91 12.06 -6.76
N THR A 506 -5.57 12.82 -5.73
CA THR A 506 -4.90 14.11 -5.92
C THR A 506 -3.68 14.31 -5.01
N GLN A 507 -3.68 13.66 -3.85
CA GLN A 507 -2.60 13.81 -2.88
C GLN A 507 -1.81 12.53 -2.65
N PRO A 508 -0.48 12.64 -2.46
CA PRO A 508 0.37 11.47 -2.20
C PRO A 508 0.10 10.84 -0.84
N ARG A 509 0.33 9.53 -0.75
CA ARG A 509 0.08 8.76 0.48
C ARG A 509 -1.36 8.91 0.96
N THR A 510 -2.30 8.64 0.06
CA THR A 510 -3.72 8.68 0.38
C THR A 510 -4.38 7.38 -0.09
N MET A 511 -3.59 6.51 -0.72
CA MET A 511 -4.04 5.18 -1.11
C MET A 511 -3.23 4.12 -0.39
N ILE A 512 -3.75 3.64 0.74
CA ILE A 512 -3.08 2.64 1.53
C ILE A 512 -3.78 1.29 1.38
N THR A 513 -3.21 0.41 0.54
CA THR A 513 -3.86 -0.85 0.24
C THR A 513 -2.85 -1.99 0.02
N SER A 514 -3.26 -3.21 0.37
CA SER A 514 -2.41 -4.38 0.18
C SER A 514 -2.42 -4.81 -1.29
N GLY A 515 -1.36 -4.46 -2.02
CA GLY A 515 -1.30 -4.74 -3.43
C GLY A 515 -0.41 -5.91 -3.81
N GLY A 516 0.77 -5.96 -3.20
CA GLY A 516 1.71 -7.05 -3.48
C GLY A 516 1.19 -8.40 -3.01
N LEU A 517 0.99 -8.52 -1.71
CA LEU A 517 0.52 -9.78 -1.12
C LEU A 517 -1.00 -9.92 -1.24
N GLY A 518 -1.71 -8.80 -1.20
CA GLY A 518 -3.16 -8.82 -1.30
C GLY A 518 -3.83 -9.49 -0.12
N THR A 519 -3.63 -8.92 1.07
CA THR A 519 -4.13 -9.51 2.30
C THR A 519 -5.52 -9.01 2.67
N MET A 520 -6.49 -9.93 2.73
CA MET A 520 -7.81 -9.59 3.24
C MET A 520 -7.72 -9.26 4.72
N GLY A 521 -8.60 -8.39 5.20
CA GLY A 521 -8.59 -7.97 6.59
C GLY A 521 -7.53 -6.92 6.86
N TYR A 522 -6.92 -6.43 5.78
CA TYR A 522 -5.91 -5.38 5.86
C TYR A 522 -6.55 -4.03 6.17
N GLY A 523 -7.69 -3.78 5.53
CA GLY A 523 -8.36 -2.49 5.56
C GLY A 523 -8.57 -1.85 6.92
N LEU A 524 -9.31 -2.53 7.80
CA LEU A 524 -9.67 -1.96 9.10
C LEU A 524 -8.45 -1.62 9.97
N PRO A 525 -7.53 -2.59 10.20
CA PRO A 525 -6.41 -2.19 11.06
C PRO A 525 -5.47 -1.19 10.39
N ALA A 526 -5.35 -1.23 9.07
CA ALA A 526 -4.50 -0.27 8.38
C ALA A 526 -5.04 1.13 8.52
N ALA A 527 -6.37 1.25 8.57
CA ALA A 527 -7.03 2.54 8.73
C ALA A 527 -6.76 3.13 10.11
N ILE A 528 -6.81 2.28 11.13
CA ILE A 528 -6.52 2.69 12.50
C ILE A 528 -5.11 3.26 12.60
N GLY A 529 -4.15 2.53 12.03
CA GLY A 529 -2.75 2.97 12.04
C GLY A 529 -2.55 4.26 11.29
N ALA A 530 -3.27 4.43 10.19
CA ALA A 530 -3.21 5.67 9.42
C ALA A 530 -3.79 6.83 10.21
N GLN A 531 -4.91 6.57 10.89
CA GLN A 531 -5.57 7.59 11.70
C GLN A 531 -4.70 8.04 12.86
N VAL A 532 -3.88 7.14 13.37
CA VAL A 532 -2.96 7.49 14.46
C VAL A 532 -1.81 8.35 13.93
N ALA A 533 -1.35 8.03 12.73
CA ALA A 533 -0.29 8.81 12.08
C ALA A 533 -0.79 10.20 11.70
N LYS A 534 -2.02 10.26 11.20
CA LYS A 534 -2.61 11.51 10.76
C LYS A 534 -3.95 11.77 11.46
N PRO A 535 -3.89 12.26 12.70
CA PRO A 535 -5.07 12.46 13.55
C PRO A 535 -6.11 13.44 12.96
N ASP A 536 -5.64 14.44 12.23
CA ASP A 536 -6.53 15.45 11.64
C ASP A 536 -7.01 15.07 10.25
N ALA A 537 -6.91 13.78 9.92
CA ALA A 537 -7.31 13.33 8.60
C ALA A 537 -8.59 12.51 8.64
N ILE A 538 -9.34 12.53 7.54
CA ILE A 538 -10.48 11.65 7.39
C ILE A 538 -9.96 10.33 6.83
N VAL A 539 -10.04 9.28 7.64
CA VAL A 539 -9.58 7.97 7.20
C VAL A 539 -10.76 7.08 6.88
N ILE A 540 -10.85 6.65 5.62
CA ILE A 540 -11.96 5.85 5.14
C ILE A 540 -11.51 4.46 4.74
N ASP A 541 -12.12 3.44 5.33
CA ASP A 541 -11.84 2.06 4.94
C ASP A 541 -12.93 1.54 4.01
N ILE A 542 -12.65 1.53 2.71
CA ILE A 542 -13.54 0.89 1.75
C ILE A 542 -13.29 -0.61 1.78
N ASP A 543 -14.15 -1.34 2.48
CA ASP A 543 -13.90 -2.75 2.75
C ASP A 543 -14.96 -3.65 2.16
N GLY A 544 -14.59 -4.90 1.90
CA GLY A 544 -15.54 -5.91 1.48
C GLY A 544 -16.04 -6.63 2.71
N ASP A 545 -17.19 -7.31 2.59
CA ASP A 545 -17.76 -8.01 3.73
C ASP A 545 -16.88 -9.18 4.16
N ALA A 546 -16.36 -9.94 3.18
CA ALA A 546 -15.49 -11.06 3.47
C ALA A 546 -14.19 -10.58 4.11
N SER A 547 -13.59 -9.54 3.53
CA SER A 547 -12.36 -8.97 4.07
C SER A 547 -12.58 -8.43 5.48
N PHE A 548 -13.72 -7.77 5.68
CA PHE A 548 -14.04 -7.19 6.97
C PHE A 548 -14.22 -8.27 8.03
N ASN A 549 -14.88 -9.36 7.65
CA ASN A 549 -15.10 -10.48 8.57
C ASN A 549 -13.82 -11.09 9.11
N MET A 550 -12.71 -10.87 8.42
CA MET A 550 -11.44 -11.45 8.83
C MET A 550 -10.89 -10.82 10.09
N THR A 551 -10.99 -9.50 10.20
CA THR A 551 -10.37 -8.78 11.31
C THR A 551 -11.32 -7.81 12.03
N LEU A 552 -12.63 -8.08 11.97
CA LEU A 552 -13.63 -7.14 12.49
C LEU A 552 -13.52 -6.94 14.01
N THR A 553 -12.74 -7.78 14.67
CA THR A 553 -12.60 -7.67 16.12
C THR A 553 -11.80 -6.43 16.49
N GLU A 554 -11.09 -5.86 15.51
CA GLU A 554 -10.24 -4.71 15.77
C GLU A 554 -11.03 -3.42 15.87
N LEU A 555 -12.34 -3.50 15.69
CA LEU A 555 -13.21 -2.34 15.87
C LEU A 555 -13.09 -1.78 17.28
N SER A 556 -12.99 -2.68 18.26
CA SER A 556 -12.83 -2.29 19.65
CA SER A 556 -12.85 -2.26 19.64
C SER A 556 -11.48 -1.62 19.86
N SER A 557 -10.49 -2.01 19.05
CA SER A 557 -9.16 -1.42 19.13
C SER A 557 -9.20 0.03 18.68
N ALA A 558 -10.03 0.32 17.69
CA ALA A 558 -10.19 1.67 17.17
C ALA A 558 -10.77 2.60 18.23
N VAL A 559 -11.73 2.10 18.99
CA VAL A 559 -12.35 2.89 20.04
C VAL A 559 -11.37 3.16 21.17
N GLN A 560 -10.68 2.11 21.60
CA GLN A 560 -9.73 2.21 22.70
C GLN A 560 -8.55 3.11 22.34
N ALA A 561 -8.26 3.22 21.05
CA ALA A 561 -7.15 4.05 20.59
C ALA A 561 -7.59 5.49 20.37
N GLY A 562 -8.90 5.68 20.23
CA GLY A 562 -9.45 7.00 19.96
C GLY A 562 -9.28 7.38 18.51
N ALA A 563 -9.36 6.40 17.62
CA ALA A 563 -9.21 6.63 16.19
C ALA A 563 -10.57 6.64 15.49
N PRO A 564 -11.06 7.84 15.15
CA PRO A 564 -12.37 8.03 14.52
C PRO A 564 -12.38 7.61 13.05
N ILE A 565 -12.01 6.36 12.80
CA ILE A 565 -11.98 5.83 11.44
C ILE A 565 -13.38 5.66 10.88
N LYS A 566 -13.48 5.70 9.55
CA LYS A 566 -14.75 5.58 8.88
C LYS A 566 -14.75 4.33 8.00
N VAL A 567 -15.43 3.29 8.47
CA VAL A 567 -15.45 2.01 7.77
C VAL A 567 -16.71 1.83 6.94
N CYS A 568 -16.54 1.66 5.63
CA CYS A 568 -17.66 1.39 4.74
C CYS A 568 -17.57 -0.02 4.17
N VAL A 569 -18.52 -0.87 4.54
CA VAL A 569 -18.54 -2.25 4.04
C VAL A 569 -19.45 -2.39 2.83
N LEU A 570 -18.87 -2.70 1.68
CA LEU A 570 -19.65 -3.03 0.50
C LEU A 570 -20.20 -4.44 0.65
N ASN A 571 -21.39 -4.54 1.24
CA ASN A 571 -22.00 -5.84 1.49
C ASN A 571 -22.71 -6.40 0.26
N ASN A 572 -22.00 -7.19 -0.53
CA ASN A 572 -22.59 -7.88 -1.66
C ASN A 572 -22.88 -9.34 -1.29
N GLU A 573 -22.72 -9.65 -0.01
CA GLU A 573 -22.97 -10.98 0.54
C GLU A 573 -22.25 -12.07 -0.24
N GLU A 574 -21.03 -11.77 -0.67
CA GLU A 574 -20.24 -12.71 -1.46
C GLU A 574 -18.78 -12.31 -1.50
N GLN A 575 -17.92 -13.27 -1.86
CA GLN A 575 -16.54 -12.98 -2.16
C GLN A 575 -16.45 -12.62 -3.64
N GLY A 576 -16.87 -11.41 -3.97
CA GLY A 576 -17.07 -10.98 -5.35
C GLY A 576 -15.93 -11.28 -6.30
N MET A 577 -14.71 -11.06 -5.85
CA MET A 577 -13.55 -11.22 -6.71
C MET A 577 -13.40 -12.67 -7.18
N VAL A 578 -13.56 -13.62 -6.28
CA VAL A 578 -13.43 -15.04 -6.58
CA VAL A 578 -13.39 -15.01 -6.65
C VAL A 578 -14.61 -15.51 -7.42
N THR A 579 -15.80 -14.97 -7.12
CA THR A 579 -17.00 -15.36 -7.86
C THR A 579 -16.98 -14.79 -9.27
N GLN A 580 -16.24 -13.69 -9.46
CA GLN A 580 -16.06 -13.13 -10.79
C GLN A 580 -15.23 -14.09 -11.63
N TRP A 581 -14.26 -14.73 -11.00
CA TRP A 581 -13.41 -15.71 -11.67
C TRP A 581 -14.18 -17.00 -11.93
N GLN A 582 -15.06 -17.36 -10.99
CA GLN A 582 -15.88 -18.56 -11.16
C GLN A 582 -16.98 -18.35 -12.19
N SER A 583 -17.51 -17.13 -12.26
CA SER A 583 -18.53 -16.79 -13.26
C SER A 583 -17.92 -16.75 -14.66
N LEU A 584 -16.60 -16.64 -14.72
CA LEU A 584 -15.91 -16.41 -15.98
C LEU A 584 -15.20 -17.66 -16.49
N PHE A 585 -14.52 -18.38 -15.61
CA PHE A 585 -13.71 -19.52 -16.03
C PHE A 585 -14.23 -20.87 -15.54
N TYR A 586 -15.31 -20.86 -14.77
CA TYR A 586 -15.81 -22.10 -14.18
C TYR A 586 -17.33 -22.26 -14.27
N GLU A 587 -17.91 -21.71 -15.32
CA GLU A 587 -19.34 -21.92 -15.65
C GLU A 587 -20.29 -21.66 -14.49
N HIS A 588 -20.06 -20.56 -13.78
CA HIS A 588 -20.91 -20.12 -12.67
C HIS A 588 -21.06 -21.16 -11.55
N ARG A 589 -19.99 -21.94 -11.34
CA ARG A 589 -19.96 -22.90 -10.23
CA ARG A 589 -19.96 -22.90 -10.23
C ARG A 589 -19.35 -22.24 -9.01
N TYR A 590 -20.19 -21.61 -8.19
CA TYR A 590 -19.73 -20.88 -7.02
C TYR A 590 -19.44 -21.82 -5.84
N SER A 591 -18.20 -22.29 -5.79
CA SER A 591 -17.79 -23.27 -4.80
C SER A 591 -17.33 -22.62 -3.50
N HIS A 592 -18.19 -22.65 -2.49
CA HIS A 592 -17.88 -22.16 -1.14
C HIS A 592 -17.35 -20.72 -1.15
N THR A 593 -17.99 -19.86 -1.92
CA THR A 593 -17.56 -18.47 -2.02
C THR A 593 -18.62 -17.52 -1.50
N HIS A 594 -19.50 -18.03 -0.65
CA HIS A 594 -20.52 -17.20 -0.01
C HIS A 594 -20.56 -17.47 1.50
N GLN A 595 -19.83 -16.65 2.25
CA GLN A 595 -19.84 -16.74 3.70
C GLN A 595 -21.02 -15.95 4.25
N SER A 596 -21.56 -16.37 5.39
CA SER A 596 -22.67 -15.68 6.01
C SER A 596 -22.15 -14.50 6.84
N ASN A 597 -22.77 -13.34 6.65
CA ASN A 597 -22.38 -12.14 7.37
C ASN A 597 -23.21 -11.93 8.63
N PRO A 598 -22.58 -11.39 9.67
CA PRO A 598 -23.32 -11.02 10.89
C PRO A 598 -24.11 -9.73 10.68
N ASP A 599 -25.00 -9.41 11.61
CA ASP A 599 -25.67 -8.11 11.60
C ASP A 599 -24.63 -7.05 11.93
N PHE A 600 -24.20 -6.30 10.90
CA PHE A 600 -23.13 -5.33 11.08
C PHE A 600 -23.55 -4.19 11.99
N MET A 601 -24.84 -3.91 12.06
CA MET A 601 -25.35 -2.85 12.91
C MET A 601 -25.33 -3.27 14.39
N LYS A 602 -25.69 -4.51 14.68
CA LYS A 602 -25.60 -5.02 16.04
C LYS A 602 -24.13 -5.28 16.39
N LEU A 603 -23.33 -5.62 15.40
CA LEU A 603 -21.89 -5.77 15.60
C LEU A 603 -21.26 -4.44 16.00
N ALA A 604 -21.60 -3.39 15.27
CA ALA A 604 -21.07 -2.06 15.56
C ALA A 604 -21.49 -1.60 16.96
N GLU A 605 -22.74 -1.89 17.30
CA GLU A 605 -23.29 -1.51 18.59
C GLU A 605 -22.54 -2.19 19.74
N SER A 606 -22.14 -3.44 19.52
CA SER A 606 -21.42 -4.20 20.55
C SER A 606 -20.00 -3.69 20.70
N MET A 607 -19.44 -3.14 19.63
CA MET A 607 -18.10 -2.60 19.64
C MET A 607 -18.09 -1.14 20.10
N ASN A 608 -19.27 -0.64 20.47
CA ASN A 608 -19.44 0.76 20.86
C ASN A 608 -19.05 1.69 19.71
N VAL A 609 -19.56 1.40 18.52
CA VAL A 609 -19.25 2.16 17.30
C VAL A 609 -20.56 2.56 16.58
N LYS A 610 -20.57 3.77 16.02
CA LYS A 610 -21.75 4.28 15.32
C LYS A 610 -22.06 3.44 14.08
N GLY A 611 -23.33 3.06 13.94
CA GLY A 611 -23.74 2.20 12.84
C GLY A 611 -24.71 2.87 11.87
N ILE A 612 -24.39 2.77 10.57
CA ILE A 612 -25.24 3.31 9.53
C ILE A 612 -25.46 2.24 8.46
N ARG A 613 -26.70 2.02 8.05
CA ARG A 613 -26.99 1.02 7.04
C ARG A 613 -27.82 1.59 5.89
N ILE A 614 -27.22 1.65 4.70
CA ILE A 614 -27.90 2.08 3.49
C ILE A 614 -28.43 0.88 2.71
N THR A 615 -29.74 0.86 2.46
CA THR A 615 -30.35 -0.31 1.82
C THR A 615 -30.87 -0.03 0.41
N ASN A 616 -31.25 1.22 0.14
CA ASN A 616 -31.78 1.58 -1.18
C ASN A 616 -31.12 2.84 -1.75
N GLN A 617 -31.41 3.13 -3.01
CA GLN A 617 -30.79 4.26 -3.71
C GLN A 617 -31.11 5.60 -3.04
N GLN A 618 -32.30 5.72 -2.46
CA GLN A 618 -32.77 6.99 -1.95
C GLN A 618 -32.04 7.39 -0.65
N GLU A 619 -31.44 6.40 0.00
CA GLU A 619 -30.72 6.65 1.24
C GLU A 619 -29.21 6.86 0.99
N LEU A 620 -28.78 6.73 -0.25
CA LEU A 620 -27.35 6.76 -0.56
C LEU A 620 -26.69 8.09 -0.20
N LYS A 621 -27.25 9.19 -0.69
CA LYS A 621 -26.62 10.49 -0.52
C LYS A 621 -26.64 10.93 0.94
N SER A 622 -27.81 10.83 1.58
CA SER A 622 -27.95 11.25 2.96
C SER A 622 -27.22 10.30 3.90
N GLY A 623 -27.08 9.05 3.48
CA GLY A 623 -26.37 8.06 4.27
C GLY A 623 -24.88 8.34 4.30
N VAL A 624 -24.29 8.56 3.13
CA VAL A 624 -22.87 8.87 3.02
C VAL A 624 -22.53 10.15 3.77
N LYS A 625 -23.40 11.14 3.72
CA LYS A 625 -23.16 12.40 4.41
CA LYS A 625 -23.18 12.41 4.41
C LYS A 625 -23.09 12.21 5.92
N GLU A 626 -24.01 11.42 6.47
CA GLU A 626 -23.99 11.12 7.89
C GLU A 626 -22.73 10.35 8.26
N PHE A 627 -22.33 9.46 7.36
CA PHE A 627 -21.10 8.67 7.49
C PHE A 627 -19.88 9.56 7.61
N LEU A 628 -19.77 10.55 6.72
CA LEU A 628 -18.60 11.43 6.70
C LEU A 628 -18.67 12.53 7.76
N ASP A 629 -19.87 12.89 8.18
CA ASP A 629 -20.04 13.96 9.16
C ASP A 629 -19.77 13.48 10.58
N ALA A 630 -19.72 12.16 10.76
CA ALA A 630 -19.48 11.57 12.08
C ALA A 630 -18.12 11.99 12.64
N THR A 631 -18.07 12.23 13.94
CA THR A 631 -16.83 12.62 14.61
C THR A 631 -16.31 11.48 15.48
N GLU A 632 -17.09 10.41 15.53
CA GLU A 632 -16.73 9.20 16.25
C GLU A 632 -16.41 8.11 15.25
N PRO A 633 -15.85 6.97 15.71
CA PRO A 633 -15.75 5.82 14.82
C PRO A 633 -17.11 5.40 14.28
N VAL A 634 -17.20 5.10 12.99
CA VAL A 634 -18.50 4.78 12.39
C VAL A 634 -18.39 3.64 11.38
N LEU A 635 -19.34 2.71 11.46
CA LEU A 635 -19.40 1.56 10.56
C LEU A 635 -20.60 1.70 9.63
N LEU A 636 -20.34 1.98 8.36
CA LEU A 636 -21.40 2.12 7.37
C LEU A 636 -21.53 0.84 6.55
N GLU A 637 -22.72 0.24 6.56
CA GLU A 637 -23.01 -0.91 5.72
C GLU A 637 -23.89 -0.50 4.54
N VAL A 638 -23.42 -0.79 3.34
CA VAL A 638 -24.19 -0.48 2.14
C VAL A 638 -24.51 -1.75 1.38
N ILE A 639 -25.79 -1.99 1.12
CA ILE A 639 -26.22 -3.14 0.35
C ILE A 639 -26.02 -2.85 -1.13
N VAL A 640 -25.07 -3.54 -1.76
CA VAL A 640 -24.75 -3.29 -3.16
C VAL A 640 -25.12 -4.46 -4.06
N GLU A 641 -25.17 -4.21 -5.36
CA GLU A 641 -25.52 -5.22 -6.35
C GLU A 641 -24.55 -6.39 -6.34
N LYS A 642 -25.07 -7.60 -6.47
CA LYS A 642 -24.24 -8.80 -6.46
C LYS A 642 -23.92 -9.26 -7.88
N LYS A 643 -22.88 -10.10 -7.99
CA LYS A 643 -22.46 -10.69 -9.26
C LYS A 643 -22.20 -9.63 -10.34
N VAL A 644 -21.52 -8.56 -9.96
CA VAL A 644 -21.12 -7.51 -10.88
C VAL A 644 -19.62 -7.58 -11.13
N PRO A 645 -19.22 -7.77 -12.40
CA PRO A 645 -17.81 -7.90 -12.74
C PRO A 645 -17.06 -6.57 -12.63
N VAL A 646 -15.77 -6.63 -12.33
CA VAL A 646 -14.92 -5.44 -12.38
C VAL A 646 -14.33 -5.31 -13.79
N LEU A 647 -14.64 -4.20 -14.44
CA LEU A 647 -14.16 -3.96 -15.79
C LEU A 647 -13.57 -2.54 -15.87
N PRO A 648 -12.57 -2.33 -16.74
CA PRO A 648 -11.97 -3.28 -17.69
C PRO A 648 -11.18 -4.41 -17.01
N MET A 649 -10.98 -5.50 -17.73
CA MET A 649 -10.21 -6.62 -17.21
C MET A 649 -9.29 -7.18 -18.27
N VAL A 650 -8.00 -7.21 -17.96
CA VAL A 650 -7.03 -7.91 -18.80
C VAL A 650 -6.82 -9.30 -18.23
N PRO A 651 -7.35 -10.32 -18.93
CA PRO A 651 -7.25 -11.73 -18.49
C PRO A 651 -5.80 -12.20 -18.44
N ALA A 652 -5.53 -13.20 -17.60
CA ALA A 652 -4.18 -13.74 -17.50
C ALA A 652 -3.73 -14.36 -18.82
N GLY A 653 -2.53 -13.98 -19.28
CA GLY A 653 -2.00 -14.50 -20.52
C GLY A 653 -2.21 -13.56 -21.69
N LYS A 654 -3.26 -12.74 -21.62
CA LYS A 654 -3.56 -11.82 -22.70
C LYS A 654 -2.68 -10.57 -22.63
N ALA A 655 -2.55 -9.87 -23.75
CA ALA A 655 -1.76 -8.65 -23.82
C ALA A 655 -2.44 -7.51 -23.06
N LEU A 656 -1.67 -6.50 -22.70
CA LEU A 656 -2.18 -5.40 -21.87
C LEU A 656 -3.26 -4.59 -22.57
N ASP A 657 -3.21 -4.53 -23.90
CA ASP A 657 -4.22 -3.81 -24.67
C ASP A 657 -5.28 -4.76 -25.22
N ASP A 658 -5.21 -6.03 -24.81
CA ASP A 658 -6.22 -7.02 -25.17
C ASP A 658 -7.17 -7.23 -24.00
N PHE A 659 -8.01 -6.24 -23.73
CA PHE A 659 -8.83 -6.23 -22.52
C PHE A 659 -10.32 -6.44 -22.79
N ILE A 660 -11.03 -6.86 -21.74
CA ILE A 660 -12.48 -6.94 -21.78
C ILE A 660 -13.07 -5.59 -21.38
N LEU A 661 -13.96 -5.07 -22.23
CA LEU A 661 -14.62 -3.81 -21.93
C LEU A 661 -16.03 -4.06 -21.43
N TRP A 662 -16.62 -3.06 -20.78
CA TRP A 662 -17.98 -3.19 -20.32
C TRP A 662 -18.96 -3.04 -21.47
N ASP A 663 -19.91 -3.95 -21.56
CA ASP A 663 -20.97 -3.89 -22.55
C ASP A 663 -22.31 -4.20 -21.90
N ALA A 664 -23.29 -3.33 -22.13
CA ALA A 664 -24.60 -3.45 -21.48
C ALA A 664 -25.34 -4.72 -21.92
N GLU A 665 -25.21 -5.06 -23.20
CA GLU A 665 -25.87 -6.25 -23.74
C GLU A 665 -25.22 -7.52 -23.19
N VAL A 666 -23.90 -7.50 -23.08
CA VAL A 666 -23.15 -8.63 -22.55
C VAL A 666 -23.48 -8.92 -21.09
N GLU A 667 -23.57 -7.89 -20.27
CA GLU A 667 -23.89 -8.04 -18.85
C GLU A 667 -25.28 -8.62 -18.66
N LYS A 668 -26.22 -8.15 -19.50
CA LYS A 668 -27.60 -8.62 -19.49
C LYS A 668 -27.59 -10.12 -19.73
N GLN A 669 -26.94 -10.53 -20.82
CA GLN A 669 -26.83 -11.93 -21.20
C GLN A 669 -26.13 -12.80 -20.14
N GLN A 670 -25.12 -12.25 -19.47
CA GLN A 670 -24.45 -12.96 -18.40
C GLN A 670 -25.39 -13.16 -17.20
N ASN A 671 -26.29 -12.22 -16.98
CA ASN A 671 -27.25 -12.31 -15.88
C ASN A 671 -28.30 -13.44 -16.08
N ASP A 672 -28.60 -13.74 -17.34
CA ASP A 672 -29.53 -14.80 -17.70
C ASP A 672 -28.85 -16.17 -17.62
N LEU A 673 -27.60 -16.19 -18.08
CA LEU A 673 -26.81 -17.41 -18.10
C LEU A 673 -26.50 -17.86 -16.68
N ARG A 674 -26.32 -16.88 -15.80
CA ARG A 674 -26.09 -17.16 -14.38
C ARG A 674 -27.38 -17.67 -13.72
N LYS A 675 -28.52 -17.10 -14.12
CA LYS A 675 -29.78 -17.49 -13.52
C LYS A 675 -30.23 -18.89 -13.92
N GLU A 676 -29.94 -19.27 -15.16
CA GLU A 676 -30.39 -20.58 -15.66
C GLU A 676 -29.46 -21.70 -15.18
N ARG A 677 -28.16 -21.43 -15.12
CA ARG A 677 -27.20 -22.41 -14.62
C ARG A 677 -27.37 -22.67 -13.13
N THR A 678 -27.41 -21.60 -12.34
CA THR A 678 -27.51 -21.74 -10.89
C THR A 678 -28.91 -22.16 -10.44
N GLY A 679 -29.87 -22.04 -11.34
CA GLY A 679 -31.25 -22.38 -11.03
C GLY A 679 -32.02 -21.21 -10.47
N GLY A 680 -31.50 -20.00 -10.68
CA GLY A 680 -32.14 -18.78 -10.21
C GLY A 680 -31.80 -18.46 -8.76
N LYS A 681 -30.64 -18.95 -8.30
CA LYS A 681 -30.24 -18.76 -6.91
C LYS A 681 -29.16 -17.69 -6.78
N TYR A 682 -28.56 -17.31 -7.91
CA TYR A 682 -27.49 -16.31 -7.91
C TYR A 682 -27.65 -15.31 -9.04
PA FAD B . 5.94 -1.36 -5.49
O1A FAD B . 6.16 -1.04 -4.00
O2A FAD B . 5.45 -2.77 -5.68
O5B FAD B . 7.34 -1.19 -6.27
C5B FAD B . 8.01 0.09 -6.18
C4B FAD B . 9.35 -0.04 -6.89
O4B FAD B . 10.04 1.21 -6.80
C3B FAD B . 10.17 -1.07 -6.20
O3B FAD B . 10.85 -1.89 -7.16
C2B FAD B . 11.13 -0.31 -5.38
O2B FAD B . 12.38 -1.00 -5.32
C1B FAD B . 11.28 0.97 -6.11
N9A FAD B . 11.57 2.01 -5.21
C8A FAD B . 11.18 2.08 -3.94
N7A FAD B . 11.64 3.22 -3.41
C5A FAD B . 12.35 3.91 -4.35
C6A FAD B . 13.07 5.13 -4.42
N6A FAD B . 13.15 5.96 -3.31
N1A FAD B . 13.66 5.50 -5.58
C2A FAD B . 13.59 4.73 -6.64
N3A FAD B . 12.92 3.56 -6.63
C4A FAD B . 12.29 3.12 -5.51
N1 FAD B . -1.65 -2.77 -9.73
C2 FAD B . -1.83 -1.93 -10.87
O2 FAD B . -1.05 -1.02 -11.08
N3 FAD B . -2.87 -2.16 -11.74
C4 FAD B . -3.76 -3.20 -11.51
O4 FAD B . -4.69 -3.38 -12.28
C4X FAD B . -3.59 -4.09 -10.31
N5 FAD B . -4.46 -5.15 -10.05
C5X FAD B . -4.44 -5.73 -8.82
C6 FAD B . -5.51 -6.58 -8.43
C7 FAD B . -5.50 -7.17 -7.17
C7M FAD B . -6.66 -8.09 -6.74
C8 FAD B . -4.44 -6.93 -6.29
C8M FAD B . -4.44 -7.60 -4.90
C9 FAD B . -3.38 -6.10 -6.67
C9A FAD B . -3.38 -5.50 -7.94
N10 FAD B . -2.35 -4.66 -8.33
C10 FAD B . -2.53 -3.86 -9.44
C1' FAD B . -1.30 -4.37 -7.44
C2' FAD B . 0.03 -4.96 -7.96
O2' FAD B . 0.07 -6.36 -7.70
C3' FAD B . 1.24 -4.27 -7.24
O3' FAD B . 0.99 -4.25 -5.90
C4' FAD B . 1.42 -2.87 -7.75
O4' FAD B . 1.13 -2.82 -9.15
C5' FAD B . 2.85 -2.45 -7.53
O5' FAD B . 2.92 -1.04 -7.62
P FAD B . 4.37 -0.34 -7.56
O1P FAD B . 5.35 -1.08 -8.48
O2P FAD B . 4.23 1.10 -8.03
O3P FAD B . 4.91 -0.34 -6.09
K K C . -9.65 7.69 -10.80
MG MG D . -18.03 -9.19 -0.89
N1' TPP E . -7.63 -15.16 1.64
C2' TPP E . -6.82 -14.11 1.97
CM2 TPP E . -6.31 -13.97 3.35
N3' TPP E . -6.50 -13.19 1.02
C4' TPP E . -6.97 -13.32 -0.23
N4' TPP E . -6.59 -12.32 -1.18
C5' TPP E . -7.79 -14.38 -0.57
C6' TPP E . -8.11 -15.30 0.40
C7' TPP E . -8.35 -14.58 -1.96
N3 TPP E . -9.33 -13.53 -2.25
C2 TPP E . -8.95 -12.47 -2.96
S1 TPP E . -10.28 -11.37 -3.17
C5 TPP E . -11.34 -12.41 -2.26
C4 TPP E . -10.60 -13.54 -1.85
CM4 TPP E . -11.23 -14.65 -1.05
C6 TPP E . -12.80 -12.13 -1.97
C7 TPP E . -13.01 -10.95 -1.04
O7 TPP E . -14.37 -10.77 -0.89
PA TPP E . -14.74 -9.34 -0.38
O1A TPP E . -13.91 -8.97 0.82
O2A TPP E . -16.18 -9.32 0.05
O3A TPP E . -14.44 -8.32 -1.54
PB TPP E . -15.45 -8.20 -2.73
O1B TPP E . -16.80 -8.84 -2.45
O2B TPP E . -15.65 -6.75 -3.04
O3B TPP E . -14.86 -8.88 -3.96
#